data_7XUQ
#
_entry.id   7XUQ
#
_cell.length_a   68.764
_cell.length_b   68.764
_cell.length_c   60.386
_cell.angle_alpha   90.000
_cell.angle_beta   90.000
_cell.angle_gamma   120.000
#
_symmetry.space_group_name_H-M   'P 32 1 2'
#
loop_
_entity.id
_entity.type
_entity.pdbx_description
1 polymer 'Transcriptional regulator, PadR-like family'
2 non-polymer 'dimethyl 2-[[2-methyl-1-[(2-methylpropan-2-yl)oxycarbonyl]indol-3-yl]methyl]-2-prop-2-enyl-propanedioate'
3 water water
#
_entity_poly.entity_id   1
_entity_poly.type   'polypeptide(L)'
_entity_poly.pdbx_seq_one_letter_code
;MGAEIPKELLRAQTNVILLNVLKQGDNYVYGIIKQVKEASNGEMELNEATLYTIFDRLEQDGIISSYWGDESQGGRRKYY
RLTEIGHENMRLA(DFF)ESLSRVDKIIENLEANKKSEAIKSRGGSGGWSHPQFEK
;
_entity_poly.pdbx_strand_id   A
#
loop_
_chem_comp.id
_chem_comp.type
_chem_comp.name
_chem_comp.formula
I1A non-polymer 'dimethyl 2-[[2-methyl-1-[(2-methylpropan-2-yl)oxycarbonyl]indol-3-yl]methyl]-2-prop-2-enyl-propanedioate' 'C23 H29 N O6'
#
# COMPACT_ATOMS: atom_id res chain seq x y z
N ILE A 5 -5.59 0.89 18.23
CA ILE A 5 -5.57 0.32 16.90
C ILE A 5 -5.19 -1.15 16.96
N PRO A 6 -6.02 -2.01 16.38
CA PRO A 6 -5.81 -3.45 16.50
C PRO A 6 -4.73 -3.95 15.54
N LYS A 7 -4.41 -5.24 15.70
CA LYS A 7 -3.26 -5.82 15.02
C LYS A 7 -3.38 -5.72 13.50
N GLU A 8 -4.50 -6.19 12.95
CA GLU A 8 -4.57 -6.35 11.50
C GLU A 8 -5.06 -5.08 10.79
N LEU A 9 -5.68 -4.16 11.51
CA LEU A 9 -5.87 -2.83 10.94
C LEU A 9 -4.53 -2.17 10.69
N LEU A 10 -3.57 -2.36 11.61
CA LEU A 10 -2.23 -1.80 11.41
C LEU A 10 -1.52 -2.46 10.25
N ARG A 11 -1.66 -3.78 10.11
CA ARG A 11 -1.02 -4.48 8.99
C ARG A 11 -1.64 -4.07 7.66
N ALA A 12 -2.96 -3.88 7.63
CA ALA A 12 -3.61 -3.40 6.43
C ALA A 12 -3.14 -1.98 6.09
N GLN A 13 -3.14 -1.10 7.09
CA GLN A 13 -2.66 0.27 6.88
C GLN A 13 -1.23 0.29 6.39
N THR A 14 -0.37 -0.56 6.97
CA THR A 14 1.03 -0.63 6.52
C THR A 14 1.12 -1.15 5.09
N ASN A 15 0.30 -2.13 4.73
CA ASN A 15 0.29 -2.63 3.36
C ASN A 15 -0.15 -1.54 2.39
N VAL A 16 -1.17 -0.77 2.75
CA VAL A 16 -1.66 0.28 1.86
C VAL A 16 -0.58 1.35 1.65
N ILE A 17 0.20 1.63 2.69
CA ILE A 17 1.25 2.65 2.58
C ILE A 17 2.39 2.14 1.72
N LEU A 18 2.82 0.89 1.94
CA LEU A 18 3.94 0.35 1.18
C LEU A 18 3.61 0.23 -0.31
N LEU A 19 2.39 -0.19 -0.63
CA LEU A 19 2.00 -0.29 -2.04
C LEU A 19 1.94 1.08 -2.69
N ASN A 20 1.69 2.14 -1.91
CA ASN A 20 1.58 3.47 -2.49
C ASN A 20 2.94 4.10 -2.73
N VAL A 21 3.90 3.88 -1.83
CA VAL A 21 5.24 4.43 -2.05
C VAL A 21 5.90 3.75 -3.24
N LEU A 22 5.64 2.46 -3.43
CA LEU A 22 6.14 1.77 -4.63
C LEU A 22 5.41 2.25 -5.88
N LYS A 23 4.12 2.62 -5.74
CA LYS A 23 3.37 3.16 -6.86
C LYS A 23 3.97 4.46 -7.37
N GLN A 24 4.84 5.10 -6.58
CA GLN A 24 5.45 6.37 -6.95
C GLN A 24 6.82 6.20 -7.54
N GLY A 25 7.45 5.05 -7.31
CA GLY A 25 8.81 4.86 -7.75
C GLY A 25 9.45 3.73 -6.99
N ASP A 26 10.38 3.06 -7.65
CA ASP A 26 11.07 1.97 -7.00
C ASP A 26 11.87 2.51 -5.82
N ASN A 27 12.02 1.68 -4.80
CA ASN A 27 12.64 2.16 -3.58
C ASN A 27 13.21 0.97 -2.83
N TYR A 28 14.12 1.28 -1.91
CA TYR A 28 14.73 0.31 -1.02
C TYR A 28 14.18 0.50 0.39
N VAL A 29 14.34 -0.53 1.21
CA VAL A 29 13.62 -0.61 2.48
C VAL A 29 13.99 0.55 3.39
N TYR A 30 15.29 0.79 3.58
CA TYR A 30 15.71 1.89 4.45
C TYR A 30 15.22 3.24 3.93
N GLY A 31 15.18 3.42 2.61
CA GLY A 31 14.66 4.66 2.06
C GLY A 31 13.16 4.79 2.26
N ILE A 32 12.44 3.69 2.11
CA ILE A 32 11.00 3.70 2.36
C ILE A 32 10.70 4.08 3.80
N ILE A 33 11.47 3.52 4.74
CA ILE A 33 11.23 3.74 6.15
C ILE A 33 11.39 5.22 6.50
N LYS A 34 12.47 5.84 6.02
CA LYS A 34 12.70 7.25 6.32
C LYS A 34 11.66 8.14 5.66
N GLN A 35 11.31 7.84 4.41
CA GLN A 35 10.34 8.68 3.69
C GLN A 35 8.97 8.61 4.36
N VAL A 36 8.57 7.44 4.85
CA VAL A 36 7.29 7.33 5.55
C VAL A 36 7.35 8.08 6.88
N LYS A 37 8.49 7.97 7.60
CA LYS A 37 8.62 8.65 8.88
C LYS A 37 8.52 10.16 8.73
N GLU A 38 9.14 10.70 7.68
CA GLU A 38 9.07 12.14 7.46
C GLU A 38 7.77 12.56 6.78
N ALA A 39 7.08 11.64 6.12
CA ALA A 39 5.74 11.92 5.62
C ALA A 39 4.66 11.74 6.69
N SER A 40 5.03 11.18 7.85
CA SER A 40 4.13 11.06 8.98
C SER A 40 4.50 12.00 10.12
N ASN A 41 5.34 12.99 9.84
CA ASN A 41 5.82 13.95 10.84
C ASN A 41 6.44 13.25 12.03
N GLY A 42 7.11 12.13 11.77
CA GLY A 42 7.85 11.39 12.78
C GLY A 42 7.05 10.38 13.58
N GLU A 43 5.74 10.29 13.36
CA GLU A 43 4.92 9.43 14.19
C GLU A 43 5.01 7.96 13.80
N MET A 44 5.24 7.67 12.52
CA MET A 44 5.19 6.29 12.00
C MET A 44 6.61 5.84 11.66
N GLU A 45 7.20 5.02 12.54
CA GLU A 45 8.51 4.43 12.33
C GLU A 45 8.31 2.97 11.93
N LEU A 46 8.40 2.69 10.64
CA LEU A 46 8.18 1.33 10.16
C LEU A 46 9.37 0.45 10.50
N ASN A 47 9.10 -0.85 10.65
CA ASN A 47 10.09 -1.82 11.09
C ASN A 47 10.54 -2.69 9.92
N GLU A 48 11.85 -2.94 9.86
CA GLU A 48 12.41 -3.64 8.70
C GLU A 48 11.88 -5.06 8.59
N ALA A 49 11.77 -5.77 9.71
CA ALA A 49 11.36 -7.16 9.68
C ALA A 49 9.95 -7.30 9.10
N THR A 50 9.02 -6.48 9.56
CA THR A 50 7.66 -6.53 9.04
C THR A 50 7.60 -6.09 7.58
N LEU A 51 8.47 -5.16 7.17
CA LEU A 51 8.49 -4.73 5.78
C LEU A 51 8.92 -5.86 4.86
N TYR A 52 9.87 -6.69 5.30
CA TYR A 52 10.35 -7.76 4.44
C TYR A 52 9.36 -8.92 4.37
N THR A 53 8.67 -9.24 5.47
CA THR A 53 7.66 -10.29 5.41
C THR A 53 6.48 -9.87 4.55
N ILE A 54 6.15 -8.58 4.54
CA ILE A 54 5.12 -8.09 3.63
C ILE A 54 5.59 -8.17 2.19
N PHE A 55 6.80 -7.68 1.92
CA PHE A 55 7.34 -7.73 0.56
C PHE A 55 7.54 -9.17 0.10
N ASP A 56 8.05 -10.04 0.98
CA ASP A 56 8.25 -11.44 0.60
C ASP A 56 6.95 -12.08 0.16
N ARG A 57 5.85 -11.73 0.82
CA ARG A 57 4.55 -12.24 0.41
C ARG A 57 4.09 -11.58 -0.89
N LEU A 58 4.26 -10.26 -0.99
CA LEU A 58 3.87 -9.55 -2.20
C LEU A 58 4.70 -9.98 -3.41
N GLU A 59 5.90 -10.52 -3.18
CA GLU A 59 6.69 -11.03 -4.30
C GLU A 59 6.09 -12.32 -4.84
N GLN A 60 5.86 -13.31 -3.97
CA GLN A 60 5.27 -14.56 -4.40
C GLN A 60 3.85 -14.37 -4.94
N ASP A 61 3.14 -13.33 -4.50
CA ASP A 61 1.84 -13.01 -5.05
C ASP A 61 1.93 -12.34 -6.41
N GLY A 62 3.12 -11.96 -6.84
CA GLY A 62 3.28 -11.22 -8.09
C GLY A 62 2.90 -9.76 -8.01
N ILE A 63 2.71 -9.22 -6.81
CA ILE A 63 2.32 -7.82 -6.68
C ILE A 63 3.52 -6.89 -6.89
N ILE A 64 4.67 -7.25 -6.34
CA ILE A 64 5.89 -6.47 -6.47
C ILE A 64 7.00 -7.40 -6.93
N SER A 65 8.10 -6.78 -7.37
CA SER A 65 9.27 -7.53 -7.79
C SER A 65 10.52 -6.84 -7.25
N SER A 66 11.62 -7.56 -7.23
CA SER A 66 12.86 -7.09 -6.63
C SER A 66 13.97 -7.09 -7.67
N TYR A 67 14.92 -6.18 -7.50
CA TYR A 67 16.12 -6.17 -8.33
C TYR A 67 17.24 -5.47 -7.57
N TRP A 68 18.46 -5.85 -7.92
CA TRP A 68 19.65 -5.29 -7.27
C TRP A 68 20.00 -3.94 -7.90
N GLY A 69 20.25 -2.95 -7.04
CA GLY A 69 20.57 -1.61 -7.50
C GLY A 69 22.02 -1.48 -7.91
N ASP A 70 22.38 -0.23 -8.22
CA ASP A 70 23.76 0.10 -8.58
C ASP A 70 24.71 -0.19 -7.42
N GLU A 71 25.88 -0.73 -7.74
CA GLU A 71 26.89 -1.02 -6.73
C GLU A 71 27.94 0.08 -6.61
N SER A 72 27.97 1.04 -7.54
CA SER A 72 28.74 2.26 -7.30
C SER A 72 28.22 3.01 -6.09
N GLN A 73 26.90 2.99 -5.88
CA GLN A 73 26.27 3.66 -4.75
C GLN A 73 26.42 2.78 -3.50
N GLY A 74 27.67 2.66 -3.06
CA GLY A 74 27.98 1.87 -1.89
C GLY A 74 28.27 0.41 -2.21
N GLY A 75 27.24 -0.43 -2.11
CA GLY A 75 27.40 -1.83 -2.42
C GLY A 75 26.18 -2.65 -2.07
N ARG A 76 25.56 -3.24 -3.08
CA ARG A 76 24.51 -4.24 -2.89
C ARG A 76 23.30 -3.69 -2.15
N ARG A 77 22.36 -3.11 -2.89
CA ARG A 77 21.12 -2.58 -2.32
C ARG A 77 19.95 -3.08 -3.15
N LYS A 78 18.98 -3.71 -2.50
CA LYS A 78 17.85 -4.30 -3.18
C LYS A 78 16.71 -3.28 -3.30
N TYR A 79 16.26 -3.04 -4.53
CA TYR A 79 15.12 -2.17 -4.80
C TYR A 79 13.88 -3.01 -5.10
N TYR A 80 12.72 -2.46 -4.75
CA TYR A 80 11.45 -3.12 -5.00
C TYR A 80 10.61 -2.24 -5.91
N ARG A 81 9.80 -2.88 -6.76
CA ARG A 81 8.96 -2.12 -7.68
C ARG A 81 7.58 -2.74 -7.77
N LEU A 82 6.59 -1.88 -7.96
CA LEU A 82 5.21 -2.32 -8.14
C LEU A 82 5.02 -2.80 -9.57
N THR A 83 4.60 -4.05 -9.73
CA THR A 83 4.47 -4.64 -11.06
C THR A 83 3.27 -4.06 -11.78
N GLU A 84 3.11 -4.46 -13.05
CA GLU A 84 1.90 -4.14 -13.78
C GLU A 84 0.70 -4.85 -13.16
N ILE A 85 0.90 -6.05 -12.64
CA ILE A 85 -0.16 -6.76 -11.93
C ILE A 85 -0.54 -6.02 -10.66
N GLY A 86 0.44 -5.40 -10.00
CA GLY A 86 0.18 -4.64 -8.80
C GLY A 86 -0.47 -3.29 -9.09
N HIS A 87 -0.02 -2.63 -10.15
CA HIS A 87 -0.63 -1.37 -10.55
C HIS A 87 -2.11 -1.54 -10.85
N GLU A 88 -2.47 -2.63 -11.54
CA GLU A 88 -3.86 -2.84 -11.92
C GLU A 88 -4.71 -3.23 -10.72
N ASN A 89 -4.17 -4.06 -9.82
CA ASN A 89 -4.91 -4.42 -8.61
C ASN A 89 -5.15 -3.22 -7.72
N MET A 90 -4.22 -2.26 -7.71
CA MET A 90 -4.47 -1.00 -7.01
C MET A 90 -5.52 -0.18 -7.72
N ARG A 91 -5.56 -0.24 -9.06
CA ARG A 91 -6.58 0.48 -9.81
C ARG A 91 -7.96 -0.12 -9.59
N LEU A 92 -8.04 -1.44 -9.41
CA LEU A 92 -9.32 -2.07 -9.15
C LEU A 92 -9.84 -1.73 -7.76
N ALA A 93 -8.95 -1.51 -6.81
CA ALA A 93 -9.34 -1.20 -5.44
C ALA A 93 -9.90 0.22 -5.35
CZ DFF A 94 -6.14 4.16 -3.80
C7 DFF A 94 -5.06 4.34 -2.74
C5 DFF A 94 -5.46 6.37 -1.29
CD1 DFF A 94 -8.43 4.32 -4.49
CE1 DFF A 94 -7.45 4.48 -3.51
C2 DFF A 94 -5.87 4.79 0.96
C1 DFF A 94 -5.96 6.17 1.05
O1 DFF A 94 -3.96 3.96 -2.96
O DFF A 94 -11.91 2.92 -6.34
C3 DFF A 94 -5.59 4.20 -0.27
C4 DFF A 94 -5.38 4.99 -1.39
N DFF A 94 -9.31 1.45 -5.77
C6 DFF A 94 -5.74 6.96 -0.06
CG DFF A 94 -8.10 3.85 -5.74
CD2 DFF A 94 -6.77 3.53 -6.02
CE2 DFF A 94 -5.81 3.69 -5.05
CB DFF A 94 -9.17 3.68 -6.81
CA DFF A 94 -9.66 2.24 -6.94
C DFF A 94 -11.18 2.25 -7.11
N GLU A 95 -11.42 1.34 -8.20
CA GLU A 95 -12.80 1.27 -8.68
C GLU A 95 -13.74 0.81 -7.57
N SER A 96 -13.29 -0.18 -6.80
CA SER A 96 -14.16 -0.81 -5.82
C SER A 96 -14.57 0.15 -4.71
N LEU A 97 -13.67 1.06 -4.32
CA LEU A 97 -14.00 2.00 -3.24
C LEU A 97 -15.08 2.98 -3.70
N SER A 98 -14.86 3.65 -4.83
CA SER A 98 -15.89 4.54 -5.37
C SER A 98 -17.16 3.78 -5.74
N ARG A 99 -17.06 2.47 -5.99
CA ARG A 99 -18.25 1.67 -6.20
C ARG A 99 -19.00 1.46 -4.89
N VAL A 100 -18.29 1.10 -3.83
CA VAL A 100 -18.90 0.97 -2.52
C VAL A 100 -19.45 2.30 -2.05
N ASP A 101 -18.73 3.39 -2.34
CA ASP A 101 -19.12 4.72 -1.87
C ASP A 101 -20.55 5.06 -2.28
N LYS A 102 -20.85 4.96 -3.58
CA LYS A 102 -22.17 5.36 -4.05
C LYS A 102 -23.23 4.30 -3.72
N ILE A 103 -22.82 3.06 -3.48
CA ILE A 103 -23.76 2.05 -2.98
C ILE A 103 -24.25 2.46 -1.59
N ILE A 104 -23.35 3.00 -0.77
CA ILE A 104 -23.74 3.47 0.55
C ILE A 104 -24.62 4.70 0.45
N GLU A 105 -24.20 5.70 -0.34
CA GLU A 105 -25.03 6.86 -0.60
C GLU A 105 -26.43 6.45 -1.04
N ASN A 106 -26.51 5.43 -1.91
CA ASN A 106 -27.81 4.98 -2.39
C ASN A 106 -28.64 4.33 -1.29
N LEU A 107 -27.99 3.84 -0.22
CA LEU A 107 -28.72 3.06 0.77
C LEU A 107 -29.64 3.93 1.62
N GLU A 108 -29.17 5.13 2.03
CA GLU A 108 -29.97 6.04 2.86
C GLU A 108 -30.88 6.90 2.01
N ALA A 109 -30.43 7.26 0.80
CA ALA A 109 -31.34 7.80 -0.19
C ALA A 109 -32.57 6.90 -0.28
N ASN A 110 -32.34 5.60 -0.48
CA ASN A 110 -33.41 4.62 -0.48
C ASN A 110 -33.95 4.34 0.92
N LYS A 111 -33.15 4.52 1.97
CA LYS A 111 -33.63 4.19 3.32
C LYS A 111 -34.68 5.17 3.80
N LYS A 112 -34.38 6.48 3.76
CA LYS A 112 -35.37 7.45 4.22
C LYS A 112 -36.50 7.64 3.21
N SER A 113 -36.18 7.64 1.92
CA SER A 113 -37.20 7.81 0.89
C SER A 113 -38.17 6.63 0.80
N GLU A 114 -38.00 5.62 1.65
CA GLU A 114 -38.99 4.56 1.79
C GLU A 114 -39.59 4.48 3.18
N ALA A 115 -38.81 4.83 4.21
CA ALA A 115 -39.35 4.98 5.55
C ALA A 115 -40.37 6.11 5.63
N ILE A 116 -40.52 6.91 4.55
CA ILE A 116 -41.53 7.96 4.50
C ILE A 116 -42.94 7.39 4.49
N LYS A 117 -43.09 6.12 4.11
CA LYS A 117 -44.42 5.51 3.99
C LYS A 117 -44.77 4.67 5.22
C01 I1A B . -8.53 1.85 -1.13
C02 I1A B . -8.74 2.42 0.22
C03 I1A B . -8.42 1.58 1.43
C04 I1A B . -7.85 0.12 1.26
C05 I1A B . -7.65 -0.40 -0.01
C06 I1A B . -7.99 0.46 -1.28
C08 I1A B . -7.04 -1.94 1.49
C09 I1A B . -7.14 -1.67 0.13
C10 I1A B . -6.53 -3.25 2.10
C11 I1A B . -6.79 -2.62 -1.02
C12 I1A B . -5.31 -2.55 -1.46
C13 I1A B . -4.82 -1.10 -1.56
C14 I1A B . -5.17 -0.53 -2.93
C15 I1A B . -5.21 0.76 -3.13
C16 I1A B . -7.54 -0.64 3.64
C19 I1A B . -7.38 0.95 5.52
C20 I1A B . -6.20 0.27 6.21
C21 I1A B . -7.21 2.46 5.69
C22 I1A B . -8.68 0.55 6.22
C23 I1A B . -4.43 -3.30 -0.45
C26 I1A B . -3.47 -5.45 -0.55
C27 I1A B . -5.16 -3.25 -2.80
C30 I1A B . -3.82 -4.20 -4.49
N07 I1A B . -7.48 -0.82 2.19
O17 I1A B . -7.40 0.67 4.14
O18 I1A B . -7.71 -1.58 4.34
O24 I1A B . -3.60 -2.72 0.15
O25 I1A B . -4.61 -4.68 -0.27
O28 I1A B . -6.10 -3.78 -3.30
O29 I1A B . -3.91 -3.28 -3.44
#